data_6HIP
#
_entry.id   6HIP
#
_cell.length_a   48.210
_cell.length_b   63.680
_cell.length_c   67.630
_cell.angle_alpha   90.00
_cell.angle_beta   90.00
_cell.angle_gamma   90.00
#
_symmetry.space_group_name_H-M   'P 21 21 21'
#
loop_
_entity.id
_entity.type
_entity.pdbx_description
1 polymer 'Splicing factor 45'
2 polymer 'HIV-1 Rev (41-49)'
3 non-polymer TRYPTOPHAN
4 non-polymer 'SODIUM ION'
5 water water
#
loop_
_entity_poly.entity_id
_entity_poly.type
_entity_poly.pdbx_seq_one_letter_code
_entity_poly.pdbx_strand_id
1 'polypeptide(L)'
;AMGKCPTKVVLLRNMVGAGEVDEDLEVETKEECEKYGKVGKCVIFEIPGAPDDEAVRIFLEFERVESAIKAVVDLNGRYF
GGRVVKACFYNLDKFRVLDLAEQV
;
A,B
2 'polypeptide(L)' RRRRWRERQ C
#
loop_
_chem_comp.id
_chem_comp.type
_chem_comp.name
_chem_comp.formula
NA non-polymer 'SODIUM ION' 'Na 1'
#
# COMPACT_ATOMS: atom_id res chain seq x y z
N ALA A 1 -4.86 25.32 -1.86
CA ALA A 1 -3.72 24.35 -1.90
C ALA A 1 -3.59 23.74 -3.29
N MET A 2 -2.35 23.70 -3.74
CA MET A 2 -2.06 23.47 -5.12
C MET A 2 -2.45 22.04 -5.53
N GLY A 3 -2.31 21.05 -4.64
CA GLY A 3 -2.71 19.70 -4.92
C GLY A 3 -4.19 19.49 -5.15
N LYS A 4 -5.00 20.46 -4.78
CA LYS A 4 -6.43 20.38 -5.00
C LYS A 4 -6.95 21.01 -6.28
N CYS A 5 -6.12 21.72 -7.00
CA CYS A 5 -6.56 22.41 -8.21
CA CYS A 5 -6.55 22.40 -8.21
C CYS A 5 -6.49 21.40 -9.36
N PRO A 6 -7.63 21.06 -9.98
CA PRO A 6 -7.58 20.02 -10.99
C PRO A 6 -6.73 20.40 -12.18
N THR A 7 -5.87 19.48 -12.62
CA THR A 7 -5.02 19.61 -13.77
C THR A 7 -4.88 18.23 -14.37
N LYS A 8 -4.21 18.14 -15.51
CA LYS A 8 -3.93 16.85 -16.11
C LYS A 8 -2.75 16.08 -15.52
N VAL A 9 -2.08 16.66 -14.56
CA VAL A 9 -0.93 15.98 -13.91
C VAL A 9 -1.36 15.49 -12.53
N VAL A 10 -1.10 14.21 -12.30
CA VAL A 10 -1.38 13.58 -11.01
C VAL A 10 -0.07 13.25 -10.32
N LEU A 11 -0.02 13.54 -9.04
CA LEU A 11 1.08 13.19 -8.16
C LEU A 11 0.66 12.11 -7.21
N LEU A 12 1.41 11.02 -7.18
CA LEU A 12 1.21 9.89 -6.27
C LEU A 12 2.33 9.84 -5.28
N ARG A 13 1.98 9.84 -4.00
CA ARG A 13 2.89 9.73 -2.88
C ARG A 13 2.59 8.48 -2.07
N ASN A 14 3.61 8.05 -1.34
CA ASN A 14 3.58 6.87 -0.49
C ASN A 14 3.39 5.59 -1.27
N MET A 15 3.79 5.52 -2.53
CA MET A 15 3.76 4.21 -3.21
C MET A 15 4.82 3.27 -2.66
N VAL A 16 6.02 3.79 -2.51
CA VAL A 16 7.18 3.09 -2.02
C VAL A 16 7.95 4.05 -1.16
N GLY A 17 8.87 3.51 -0.37
CA GLY A 17 9.71 4.34 0.47
C GLY A 17 10.89 4.92 -0.22
N ALA A 18 11.61 5.73 0.52
CA ALA A 18 12.79 6.34 0.01
C ALA A 18 13.76 5.30 -0.56
N GLY A 19 14.27 5.58 -1.75
CA GLY A 19 15.23 4.71 -2.40
C GLY A 19 14.69 3.42 -2.97
N GLU A 20 13.36 3.25 -2.96
CA GLU A 20 12.73 1.98 -3.32
C GLU A 20 12.08 2.02 -4.70
N VAL A 21 12.37 3.00 -5.52
CA VAL A 21 11.87 3.07 -6.89
CA VAL A 21 11.74 2.93 -6.84
C VAL A 21 12.43 1.86 -7.68
N ASP A 22 11.61 1.28 -8.53
CA ASP A 22 12.05 0.31 -9.51
CA ASP A 22 12.02 0.28 -9.48
C ASP A 22 11.23 0.46 -10.77
N GLU A 23 11.67 -0.21 -11.81
CA GLU A 23 11.01 -0.06 -13.09
C GLU A 23 9.65 -0.77 -13.10
N ASP A 24 9.51 -1.85 -12.35
CA ASP A 24 8.23 -2.54 -12.31
C ASP A 24 7.12 -1.58 -11.88
N LEU A 25 7.38 -0.70 -10.92
CA LEU A 25 6.39 0.29 -10.50
C LEU A 25 5.97 1.16 -11.66
N GLU A 26 6.93 1.66 -12.42
CA GLU A 26 6.57 2.59 -13.46
CA GLU A 26 6.69 2.54 -13.55
C GLU A 26 5.76 1.90 -14.56
N VAL A 27 6.12 0.68 -14.93
N VAL A 27 6.12 0.69 -14.98
CA VAL A 27 5.43 -0.06 -15.98
CA VAL A 27 5.34 0.08 -16.04
C VAL A 27 4.01 -0.36 -15.54
C VAL A 27 3.97 -0.31 -15.54
N GLU A 28 3.87 -0.86 -14.32
CA GLU A 28 2.53 -1.21 -13.85
C GLU A 28 1.65 -0.01 -13.70
N THR A 29 2.22 1.08 -13.17
CA THR A 29 1.41 2.26 -12.89
C THR A 29 0.93 2.88 -14.16
N LYS A 30 1.76 2.94 -15.19
CA LYS A 30 1.27 3.44 -16.47
CA LYS A 30 1.30 3.45 -16.48
C LYS A 30 0.14 2.57 -17.00
N GLU A 31 0.23 1.24 -16.91
CA GLU A 31 -0.84 0.37 -17.35
C GLU A 31 -2.10 0.60 -16.55
N GLU A 32 -1.98 0.68 -15.24
CA GLU A 32 -3.13 0.93 -14.38
CA GLU A 32 -3.16 0.89 -14.42
C GLU A 32 -3.82 2.25 -14.75
N CYS A 33 -2.99 3.27 -15.00
CA CYS A 33 -3.53 4.59 -15.29
C CYS A 33 -4.21 4.68 -16.64
N GLU A 34 -3.86 3.80 -17.56
CA GLU A 34 -4.55 3.79 -18.86
C GLU A 34 -6.03 3.43 -18.68
N LYS A 35 -6.44 2.90 -17.54
CA LYS A 35 -7.84 2.72 -17.26
C LYS A 35 -8.66 4.01 -17.19
N TYR A 36 -8.00 5.10 -16.83
CA TYR A 36 -8.66 6.40 -16.69
C TYR A 36 -8.59 7.18 -17.97
N GLY A 37 -7.64 6.88 -18.82
CA GLY A 37 -7.47 7.53 -20.10
C GLY A 37 -6.02 7.47 -20.53
N LYS A 38 -5.74 8.02 -21.70
CA LYS A 38 -4.40 7.99 -22.22
C LYS A 38 -3.46 8.76 -21.29
N VAL A 39 -2.24 8.24 -21.14
N VAL A 39 -2.31 8.16 -20.97
CA VAL A 39 -1.32 8.76 -20.16
CA VAL A 39 -1.34 8.85 -20.13
C VAL A 39 0.12 8.56 -20.61
C VAL A 39 -0.11 9.14 -20.98
N GLY A 40 0.99 9.45 -20.18
N GLY A 40 0.38 10.37 -20.84
CA GLY A 40 2.40 9.30 -20.41
CA GLY A 40 1.42 10.83 -21.76
C GLY A 40 3.05 8.41 -19.39
C GLY A 40 2.82 10.66 -21.26
N LYS A 41 4.35 8.24 -19.59
N LYS A 41 3.10 11.13 -20.05
CA LYS A 41 5.19 7.47 -18.67
CA LYS A 41 4.47 11.11 -19.53
C LYS A 41 5.36 8.15 -17.34
C LYS A 41 4.37 10.70 -18.10
N CYS A 42 5.55 7.35 -16.32
N CYS A 42 5.32 9.93 -17.56
CA CYS A 42 5.84 7.87 -14.99
CA CYS A 42 5.45 9.62 -16.12
C CYS A 42 7.08 8.70 -15.02
C CYS A 42 6.87 10.04 -15.75
N VAL A 43 7.04 9.82 -14.29
N VAL A 43 7.00 10.74 -14.63
CA VAL A 43 8.19 10.68 -14.06
CA VAL A 43 8.32 11.09 -14.11
C VAL A 43 8.37 10.72 -12.58
C VAL A 43 8.39 10.75 -12.63
N ILE A 44 9.60 10.44 -12.18
CA ILE A 44 9.86 10.13 -10.81
C ILE A 44 10.82 11.11 -10.21
N PHE A 45 10.57 11.54 -8.99
CA PHE A 45 11.48 12.42 -8.28
C PHE A 45 11.49 12.06 -6.83
N GLU A 46 12.67 12.00 -6.26
CA GLU A 46 12.76 11.77 -4.82
CA GLU A 46 12.83 11.75 -4.85
C GLU A 46 13.29 12.98 -4.11
N ILE A 47 12.56 13.37 -3.08
CA ILE A 47 12.85 14.56 -2.30
C ILE A 47 13.83 14.19 -1.25
N PRO A 48 15.01 14.83 -1.25
CA PRO A 48 15.92 14.57 -0.16
C PRO A 48 15.42 14.96 1.20
N GLY A 49 15.68 14.14 2.22
CA GLY A 49 15.31 14.50 3.61
C GLY A 49 13.83 14.48 3.97
N ALA A 50 13.03 13.86 3.10
CA ALA A 50 11.59 13.82 3.30
C ALA A 50 11.22 12.61 4.15
N PRO A 51 10.07 12.67 4.83
CA PRO A 51 9.57 11.50 5.53
C PRO A 51 9.33 10.35 4.55
N ASP A 52 9.34 9.14 5.07
CA ASP A 52 9.24 7.97 4.23
C ASP A 52 7.96 7.88 3.45
N ASP A 53 6.88 8.51 3.88
CA ASP A 53 5.63 8.49 3.12
C ASP A 53 5.49 9.67 2.13
N GLU A 54 6.54 10.46 1.99
CA GLU A 54 6.54 11.62 1.09
C GLU A 54 7.72 11.64 0.14
N ALA A 55 8.75 10.87 0.42
CA ALA A 55 10.01 11.05 -0.30
C ALA A 55 9.90 10.85 -1.79
N VAL A 56 9.24 9.76 -2.18
CA VAL A 56 9.16 9.39 -3.61
C VAL A 56 7.90 9.98 -4.21
N ARG A 57 8.07 10.79 -5.22
CA ARG A 57 6.97 11.43 -5.94
C ARG A 57 6.89 10.82 -7.33
N ILE A 58 5.75 10.26 -7.66
CA ILE A 58 5.48 9.69 -8.95
C ILE A 58 4.46 10.56 -9.66
N PHE A 59 4.81 11.10 -10.79
CA PHE A 59 3.96 11.98 -11.56
C PHE A 59 3.52 11.28 -12.83
N LEU A 60 2.24 11.40 -13.16
N LEU A 60 2.24 11.51 -13.13
CA LEU A 60 1.79 11.01 -14.48
CA LEU A 60 1.56 10.98 -14.29
C LEU A 60 0.91 12.08 -15.08
C LEU A 60 0.94 12.18 -15.02
N GLU A 61 1.27 12.40 -16.30
CA GLU A 61 0.56 13.41 -17.08
C GLU A 61 -0.42 12.73 -18.02
N PHE A 62 -1.71 12.98 -17.79
CA PHE A 62 -2.75 12.46 -18.65
C PHE A 62 -2.94 13.38 -19.83
N GLU A 63 -3.51 12.82 -20.88
CA GLU A 63 -3.89 13.61 -22.02
C GLU A 63 -5.06 14.55 -21.70
N ARG A 64 -5.93 14.14 -20.79
CA ARG A 64 -7.19 14.87 -20.52
C ARG A 64 -7.31 15.12 -19.04
N VAL A 65 -7.80 16.29 -18.64
CA VAL A 65 -8.00 16.58 -17.22
CA VAL A 65 -8.07 16.61 -17.23
C VAL A 65 -9.07 15.64 -16.63
N GLU A 66 -10.10 15.25 -17.37
CA GLU A 66 -11.09 14.38 -16.80
C GLU A 66 -10.44 13.08 -16.35
N SER A 67 -9.49 12.56 -17.12
CA SER A 67 -8.79 11.33 -16.76
C SER A 67 -7.98 11.49 -15.50
N ALA A 68 -7.28 12.61 -15.37
CA ALA A 68 -6.55 12.92 -14.16
C ALA A 68 -7.44 12.96 -12.94
N ILE A 69 -8.63 13.54 -13.06
CA ILE A 69 -9.56 13.59 -11.94
C ILE A 69 -9.96 12.19 -11.56
N LYS A 70 -10.35 11.38 -12.53
CA LYS A 70 -10.70 10.00 -12.28
C LYS A 70 -9.57 9.26 -11.59
N ALA A 71 -8.34 9.54 -12.00
CA ALA A 71 -7.17 8.87 -11.42
C ALA A 71 -6.99 9.30 -9.97
N VAL A 72 -7.06 10.59 -9.66
CA VAL A 72 -6.94 11.02 -8.28
C VAL A 72 -7.98 10.33 -7.41
N VAL A 73 -9.22 10.32 -7.86
CA VAL A 73 -10.30 9.77 -7.07
C VAL A 73 -10.11 8.27 -6.91
N ASP A 74 -9.69 7.57 -7.95
CA ASP A 74 -9.56 6.12 -7.81
C ASP A 74 -8.31 5.71 -7.06
N LEU A 75 -7.21 6.44 -7.20
CA LEU A 75 -5.93 5.99 -6.65
C LEU A 75 -5.75 6.45 -5.22
N ASN A 76 -6.37 7.54 -4.79
CA ASN A 76 -6.21 8.02 -3.44
C ASN A 76 -6.85 7.00 -2.51
N GLY A 77 -6.04 6.50 -1.57
CA GLY A 77 -6.52 5.51 -0.64
C GLY A 77 -6.45 4.09 -1.13
N ARG A 78 -6.02 3.88 -2.37
CA ARG A 78 -5.79 2.50 -2.80
CA ARG A 78 -5.76 2.56 -2.92
C ARG A 78 -4.43 2.05 -2.35
N TYR A 79 -4.30 0.74 -2.28
CA TYR A 79 -3.05 0.11 -1.84
C TYR A 79 -2.16 -0.23 -3.01
N PHE A 80 -0.90 0.13 -2.87
CA PHE A 80 0.19 -0.33 -3.73
C PHE A 80 1.08 -1.15 -2.82
N GLY A 81 1.03 -2.47 -3.01
CA GLY A 81 1.55 -3.35 -1.98
C GLY A 81 0.79 -3.17 -0.72
N GLY A 82 1.48 -2.92 0.38
CA GLY A 82 0.83 -2.61 1.64
C GLY A 82 0.66 -1.13 1.91
N ARG A 83 1.16 -0.27 1.01
CA ARG A 83 1.13 1.17 1.29
C ARG A 83 -0.12 1.81 0.77
N VAL A 84 -0.67 2.70 1.57
CA VAL A 84 -1.86 3.47 1.17
C VAL A 84 -1.43 4.70 0.42
N VAL A 85 -1.79 4.79 -0.84
CA VAL A 85 -1.35 5.86 -1.71
C VAL A 85 -2.12 7.12 -1.47
N LYS A 86 -1.41 8.24 -1.57
CA LYS A 86 -2.01 9.58 -1.56
C LYS A 86 -1.90 10.17 -2.94
N ALA A 87 -3.02 10.56 -3.53
CA ALA A 87 -3.05 11.11 -4.88
C ALA A 87 -3.58 12.52 -4.85
N CYS A 88 -3.01 13.37 -5.69
CA CYS A 88 -3.48 14.75 -5.82
C CYS A 88 -3.05 15.26 -7.18
N PHE A 89 -3.43 16.50 -7.48
CA PHE A 89 -3.05 17.16 -8.74
C PHE A 89 -1.72 17.86 -8.58
N TYR A 90 -1.15 18.27 -9.71
CA TYR A 90 0.07 19.06 -9.69
C TYR A 90 0.01 20.09 -10.81
N ASN A 91 0.57 21.25 -10.54
CA ASN A 91 0.56 22.35 -11.47
C ASN A 91 1.27 21.98 -12.76
N LEU A 92 0.62 22.22 -13.89
CA LEU A 92 1.15 21.78 -15.17
C LEU A 92 2.46 22.49 -15.57
N ASP A 93 2.45 23.79 -15.39
CA ASP A 93 3.65 24.56 -15.76
C ASP A 93 4.85 24.16 -14.90
N LYS A 94 4.63 23.92 -13.60
CA LYS A 94 5.74 23.46 -12.74
C LYS A 94 6.23 22.12 -13.21
N PHE A 95 5.33 21.22 -13.51
CA PHE A 95 5.68 19.92 -14.01
C PHE A 95 6.53 20.00 -15.31
N ARG A 96 6.07 20.80 -16.26
CA ARG A 96 6.76 20.83 -17.60
C ARG A 96 8.19 21.31 -17.60
N VAL A 97 8.54 22.13 -16.61
CA VAL A 97 9.92 22.55 -16.44
C VAL A 97 10.68 21.73 -15.35
N LEU A 98 10.05 20.65 -14.88
CA LEU A 98 10.64 19.75 -13.90
C LEU A 98 10.91 20.40 -12.55
N ASP A 99 10.04 21.28 -12.12
CA ASP A 99 9.97 21.79 -10.75
C ASP A 99 9.04 20.86 -9.93
N LEU A 100 9.66 19.83 -9.36
CA LEU A 100 8.95 18.66 -8.83
C LEU A 100 8.84 18.57 -7.32
N ALA A 101 9.30 19.61 -6.63
CA ALA A 101 9.35 19.63 -5.18
C ALA A 101 8.42 20.68 -4.54
N GLU A 102 7.42 21.10 -5.30
CA GLU A 102 6.49 22.12 -4.81
C GLU A 102 5.61 21.56 -3.72
N GLN A 103 5.19 22.40 -2.78
CA GLN A 103 4.24 22.03 -1.74
C GLN A 103 2.88 21.79 -2.37
N VAL A 104 2.25 20.69 -2.02
CA VAL A 104 0.94 20.39 -2.58
C VAL A 104 -0.16 20.50 -1.56
N ALA B 1 -0.51 -4.33 26.45
CA ALA B 1 -0.45 -5.66 25.75
C ALA B 1 -1.81 -6.04 25.04
N MET B 2 -2.28 -5.15 24.19
CA MET B 2 -3.51 -5.41 23.46
C MET B 2 -3.47 -6.68 22.62
N GLY B 3 -2.29 -7.04 22.16
CA GLY B 3 -2.17 -8.23 21.34
C GLY B 3 -2.41 -9.52 22.08
N LYS B 4 -2.47 -9.48 23.42
CA LYS B 4 -2.78 -10.66 24.23
C LYS B 4 -4.24 -10.93 24.40
N CYS B 5 -5.07 -9.94 24.11
CA CYS B 5 -6.53 -10.08 24.37
CA CYS B 5 -6.47 -10.06 24.37
C CYS B 5 -7.18 -10.85 23.25
N PRO B 6 -7.74 -12.02 23.52
N PRO B 6 -7.75 -12.04 23.53
CA PRO B 6 -8.29 -12.91 22.46
CA PRO B 6 -8.22 -12.83 22.37
C PRO B 6 -9.46 -12.34 21.67
C PRO B 6 -9.34 -12.14 21.66
N THR B 7 -9.32 -12.28 20.34
CA THR B 7 -10.34 -11.78 19.45
C THR B 7 -10.30 -12.66 18.20
N LYS B 8 -11.25 -12.41 17.28
CA LYS B 8 -11.26 -13.08 16.00
CA LYS B 8 -11.28 -13.07 15.99
C LYS B 8 -10.25 -12.55 15.00
N VAL B 9 -9.56 -11.46 15.34
CA VAL B 9 -8.61 -10.86 14.41
C VAL B 9 -7.21 -11.23 14.85
N VAL B 10 -6.45 -11.80 13.90
CA VAL B 10 -5.05 -12.16 14.10
C VAL B 10 -4.19 -11.17 13.36
N LEU B 11 -3.15 -10.69 14.03
CA LEU B 11 -2.09 -9.88 13.41
C LEU B 11 -0.84 -10.70 13.30
N LEU B 12 -0.31 -10.79 12.09
CA LEU B 12 1.00 -11.42 11.81
C LEU B 12 1.99 -10.33 11.47
N ARG B 13 3.10 -10.30 12.20
CA ARG B 13 4.20 -9.37 11.97
C ARG B 13 5.43 -10.17 11.56
N ASN B 14 6.27 -9.54 10.74
CA ASN B 14 7.53 -10.10 10.26
C ASN B 14 7.34 -11.23 9.29
N MET B 15 6.17 -11.41 8.69
CA MET B 15 6.01 -12.49 7.74
CA MET B 15 5.94 -12.48 7.69
C MET B 15 6.72 -12.17 6.42
N VAL B 16 6.69 -10.92 6.04
CA VAL B 16 7.44 -10.39 4.90
C VAL B 16 7.98 -9.04 5.32
N GLY B 17 9.03 -8.58 4.63
CA GLY B 17 9.64 -7.30 4.88
C GLY B 17 8.94 -6.14 4.17
N ALA B 18 9.29 -4.95 4.59
CA ALA B 18 8.87 -3.74 3.94
C ALA B 18 9.10 -3.90 2.43
N GLY B 19 8.12 -3.47 1.64
CA GLY B 19 8.25 -3.53 0.20
C GLY B 19 8.15 -4.91 -0.41
N GLU B 20 7.75 -5.92 0.36
CA GLU B 20 7.69 -7.29 -0.14
C GLU B 20 6.24 -7.78 -0.19
N VAL B 21 5.34 -6.88 -0.52
CA VAL B 21 3.94 -7.20 -0.68
C VAL B 21 3.55 -7.02 -2.15
N ASP B 22 3.21 -8.13 -2.80
CA ASP B 22 2.64 -8.10 -4.14
C ASP B 22 1.13 -8.13 -4.05
N GLU B 23 0.48 -7.84 -5.16
CA GLU B 23 -0.99 -7.72 -5.15
C GLU B 23 -1.64 -9.00 -4.71
N ASP B 24 -1.03 -10.15 -4.99
CA ASP B 24 -1.66 -11.45 -4.65
C ASP B 24 -1.41 -11.91 -3.24
N LEU B 25 -0.62 -11.21 -2.44
CA LEU B 25 -0.32 -11.69 -1.11
C LEU B 25 -1.55 -11.79 -0.23
N GLU B 26 -2.50 -10.91 -0.34
CA GLU B 26 -3.70 -11.00 0.48
C GLU B 26 -4.44 -12.30 0.21
N VAL B 27 -4.68 -12.63 -1.06
CA VAL B 27 -5.37 -13.87 -1.45
CA VAL B 27 -5.41 -13.86 -1.35
C VAL B 27 -4.58 -15.09 -0.99
N GLU B 28 -3.28 -15.08 -1.25
CA GLU B 28 -2.41 -16.20 -0.91
C GLU B 28 -2.48 -16.46 0.58
N THR B 29 -2.39 -15.39 1.38
CA THR B 29 -2.39 -15.53 2.81
C THR B 29 -3.75 -15.99 3.31
N LYS B 30 -4.82 -15.41 2.79
CA LYS B 30 -6.14 -15.85 3.20
C LYS B 30 -6.33 -17.34 2.91
N GLU B 31 -5.95 -17.78 1.72
CA GLU B 31 -6.16 -19.16 1.32
C GLU B 31 -5.39 -20.09 2.19
N GLU B 32 -4.17 -19.74 2.56
CA GLU B 32 -3.40 -20.56 3.49
C GLU B 32 -4.07 -20.58 4.86
N CYS B 33 -4.44 -19.41 5.36
CA CYS B 33 -5.05 -19.34 6.68
C CYS B 33 -6.41 -19.94 6.80
N GLU B 34 -7.09 -20.23 5.71
CA GLU B 34 -8.32 -20.98 5.75
C GLU B 34 -8.16 -22.39 6.28
N LYS B 35 -6.93 -22.88 6.38
CA LYS B 35 -6.70 -24.15 7.05
C LYS B 35 -7.12 -24.12 8.50
N TYR B 36 -7.13 -22.92 9.12
CA TYR B 36 -7.51 -22.79 10.52
C TYR B 36 -9.00 -22.62 10.68
N GLY B 37 -9.72 -22.35 9.62
CA GLY B 37 -11.11 -22.01 9.65
C GLY B 37 -11.43 -20.86 8.72
N LYS B 38 -12.71 -20.57 8.54
CA LYS B 38 -13.10 -19.57 7.57
C LYS B 38 -12.59 -18.21 7.94
N VAL B 39 -12.16 -17.50 6.90
CA VAL B 39 -11.62 -16.15 6.99
C VAL B 39 -12.57 -15.17 6.35
N GLY B 40 -12.91 -14.13 7.04
CA GLY B 40 -13.75 -13.11 6.52
C GLY B 40 -13.09 -12.11 5.69
N LYS B 41 -11.94 -11.65 6.14
CA LYS B 41 -11.20 -10.50 5.58
C LYS B 41 -9.71 -10.70 5.84
N CYS B 42 -8.87 -10.38 4.86
CA CYS B 42 -7.42 -10.28 5.06
C CYS B 42 -7.04 -8.89 4.61
N VAL B 43 -6.35 -8.15 5.47
CA VAL B 43 -5.85 -6.82 5.21
C VAL B 43 -4.35 -6.86 5.36
N ILE B 44 -3.65 -6.21 4.45
CA ILE B 44 -2.20 -6.09 4.52
C ILE B 44 -1.84 -4.64 4.44
N PHE B 45 -1.18 -4.12 5.45
CA PHE B 45 -0.89 -2.70 5.58
C PHE B 45 0.54 -2.54 5.97
N GLU B 46 1.26 -1.68 5.26
CA GLU B 46 2.63 -1.37 5.55
C GLU B 46 2.73 0.05 6.16
N ILE B 47 3.37 0.11 7.31
CA ILE B 47 3.60 1.34 8.05
C ILE B 47 4.85 1.99 7.50
N PRO B 48 4.72 3.17 6.88
CA PRO B 48 5.91 3.84 6.31
C PRO B 48 6.95 4.14 7.38
N GLY B 49 8.21 3.84 7.04
CA GLY B 49 9.36 4.12 7.91
C GLY B 49 9.60 3.16 9.04
N ALA B 50 8.75 2.18 9.24
CA ALA B 50 8.88 1.29 10.36
C ALA B 50 10.05 0.33 10.16
N PRO B 51 10.58 -0.25 11.26
N PRO B 51 10.67 -0.17 11.25
CA PRO B 51 11.62 -1.28 11.17
CA PRO B 51 11.73 -1.16 11.05
C PRO B 51 11.15 -2.42 10.28
C PRO B 51 11.20 -2.41 10.36
N ASP B 52 12.07 -3.06 9.59
CA ASP B 52 11.71 -4.12 8.67
C ASP B 52 10.95 -5.29 9.30
N ASP B 53 11.18 -5.56 10.59
CA ASP B 53 10.42 -6.60 11.29
C ASP B 53 9.03 -6.20 11.81
N GLU B 54 8.67 -4.92 11.65
CA GLU B 54 7.39 -4.38 12.09
C GLU B 54 6.60 -3.75 10.95
N ALA B 55 7.21 -3.55 9.80
CA ALA B 55 6.62 -2.68 8.80
C ALA B 55 5.34 -3.21 8.19
N VAL B 56 5.32 -4.50 7.85
CA VAL B 56 4.19 -5.07 7.16
C VAL B 56 3.31 -5.81 8.14
N ARG B 57 2.10 -5.36 8.32
CA ARG B 57 1.12 -5.99 9.19
C ARG B 57 0.12 -6.73 8.35
N ILE B 58 -0.05 -8.01 8.65
CA ILE B 58 -1.00 -8.84 7.94
C ILE B 58 -2.09 -9.22 8.94
N PHE B 59 -3.32 -8.85 8.65
CA PHE B 59 -4.46 -9.11 9.52
C PHE B 59 -5.36 -10.15 8.90
N LEU B 60 -5.85 -11.07 9.70
CA LEU B 60 -6.82 -12.06 9.29
C LEU B 60 -8.00 -11.94 10.25
N GLU B 61 -9.18 -11.64 9.75
CA GLU B 61 -10.38 -11.69 10.60
C GLU B 61 -11.06 -13.01 10.32
N PHE B 62 -11.03 -13.88 11.32
CA PHE B 62 -11.67 -15.19 11.21
C PHE B 62 -13.13 -15.07 11.57
N GLU B 63 -13.90 -16.06 11.14
CA GLU B 63 -15.30 -16.11 11.49
C GLU B 63 -15.51 -16.55 12.93
N ARG B 64 -14.58 -17.33 13.48
CA ARG B 64 -14.69 -17.96 14.81
C ARG B 64 -13.42 -17.71 15.58
N VAL B 65 -13.50 -17.38 16.87
CA VAL B 65 -12.30 -17.19 17.64
C VAL B 65 -11.48 -18.47 17.77
N GLU B 66 -12.10 -19.65 17.75
CA GLU B 66 -11.33 -20.87 17.80
C GLU B 66 -10.29 -20.88 16.67
N SER B 67 -10.72 -20.40 15.49
CA SER B 67 -9.82 -20.40 14.33
C SER B 67 -8.68 -19.41 14.52
N ALA B 68 -8.99 -18.24 15.06
CA ALA B 68 -7.96 -17.24 15.34
C ALA B 68 -6.93 -17.78 16.31
N ILE B 69 -7.38 -18.48 17.36
CA ILE B 69 -6.47 -19.05 18.32
C ILE B 69 -5.61 -20.10 17.68
N LYS B 70 -6.19 -20.97 16.86
CA LYS B 70 -5.41 -21.96 16.16
C LYS B 70 -4.33 -21.30 15.33
N ALA B 71 -4.70 -20.23 14.64
CA ALA B 71 -3.71 -19.55 13.78
C ALA B 71 -2.59 -18.95 14.58
N VAL B 72 -2.90 -18.26 15.68
CA VAL B 72 -1.87 -17.67 16.51
C VAL B 72 -0.92 -18.75 16.99
N VAL B 73 -1.47 -19.84 17.53
CA VAL B 73 -0.64 -20.88 18.09
C VAL B 73 0.23 -21.49 17.00
N ASP B 74 -0.33 -21.72 15.82
CA ASP B 74 0.42 -22.39 14.79
C ASP B 74 1.48 -21.52 14.15
N LEU B 75 1.26 -20.20 14.11
CA LEU B 75 2.16 -19.29 13.39
C LEU B 75 3.13 -18.54 14.26
N ASN B 76 2.82 -18.40 15.54
CA ASN B 76 3.69 -17.61 16.38
C ASN B 76 5.03 -18.27 16.57
N GLY B 77 6.10 -17.57 16.27
CA GLY B 77 7.45 -18.10 16.40
C GLY B 77 7.88 -18.95 15.23
N ARG B 78 7.08 -19.10 14.21
CA ARG B 78 7.38 -19.92 13.08
C ARG B 78 8.30 -19.16 12.14
N TYR B 79 9.29 -19.86 11.59
CA TYR B 79 10.18 -19.28 10.62
C TYR B 79 9.62 -19.45 9.20
N PHE B 80 9.55 -18.34 8.45
CA PHE B 80 9.13 -18.35 7.03
C PHE B 80 10.13 -17.55 6.22
N GLY B 81 10.80 -18.21 5.27
CA GLY B 81 11.84 -17.59 4.45
C GLY B 81 12.89 -16.92 5.32
N GLY B 82 13.24 -17.58 6.45
CA GLY B 82 14.23 -17.06 7.40
C GLY B 82 13.75 -16.07 8.45
N ARG B 83 12.48 -15.64 8.33
CA ARG B 83 11.92 -14.63 9.20
C ARG B 83 11.09 -15.29 10.25
N VAL B 84 11.27 -14.86 11.50
CA VAL B 84 10.44 -15.38 12.57
C VAL B 84 9.15 -14.57 12.65
N VAL B 85 8.03 -15.26 12.55
CA VAL B 85 6.75 -14.59 12.58
C VAL B 85 6.32 -14.33 14.01
N LYS B 86 5.75 -13.17 14.26
CA LYS B 86 5.08 -12.92 15.50
C LYS B 86 3.59 -12.89 15.25
N ALA B 87 2.82 -13.69 15.97
CA ALA B 87 1.38 -13.74 15.78
C ALA B 87 0.73 -13.33 17.07
N CYS B 88 -0.32 -12.54 17.01
CA CYS B 88 -1.08 -12.12 18.18
C CYS B 88 -2.47 -11.76 17.73
N PHE B 89 -3.29 -11.31 18.67
CA PHE B 89 -4.63 -10.85 18.37
C PHE B 89 -4.61 -9.36 18.16
N TYR B 90 -5.74 -8.86 17.65
CA TYR B 90 -5.89 -7.42 17.45
C TYR B 90 -7.32 -7.04 17.81
N ASN B 91 -7.46 -5.85 18.39
CA ASN B 91 -8.75 -5.33 18.83
CA ASN B 91 -8.76 -5.38 18.85
C ASN B 91 -9.75 -5.30 17.66
N LEU B 92 -10.95 -5.87 17.87
CA LEU B 92 -11.95 -6.04 16.82
C LEU B 92 -12.49 -4.71 16.37
N ASP B 93 -12.82 -3.86 17.33
CA ASP B 93 -13.48 -2.62 16.96
C ASP B 93 -12.41 -1.66 16.29
N LYS B 94 -11.10 -1.76 16.64
CA LYS B 94 -10.02 -0.99 15.91
C LYS B 94 -9.90 -1.53 14.48
N PHE B 95 -9.86 -2.85 14.33
CA PHE B 95 -9.86 -3.45 13.02
C PHE B 95 -11.06 -3.06 12.15
N ARG B 96 -12.26 -3.06 12.75
CA ARG B 96 -13.52 -2.80 12.04
C ARG B 96 -13.55 -1.42 11.43
N VAL B 97 -12.74 -0.49 11.91
CA VAL B 97 -12.69 0.85 11.32
C VAL B 97 -11.32 1.10 10.71
N LEU B 98 -10.55 0.03 10.49
CA LEU B 98 -9.23 0.08 9.86
C LEU B 98 -8.28 1.04 10.57
N ASP B 99 -8.27 0.99 11.92
CA ASP B 99 -7.18 1.61 12.68
C ASP B 99 -6.09 0.54 12.89
N LEU B 100 -5.09 0.52 12.00
CA LEU B 100 -4.21 -0.67 11.81
C LEU B 100 -2.82 -0.49 12.38
N ALA B 101 -2.58 0.64 13.06
CA ALA B 101 -1.23 0.93 13.54
C ALA B 101 -1.16 1.00 15.08
N GLU B 102 -2.08 0.33 15.77
CA GLU B 102 -2.09 0.33 17.22
C GLU B 102 -0.96 -0.52 17.73
N GLN B 103 -0.40 -0.14 18.86
CA GLN B 103 0.59 -1.00 19.52
C GLN B 103 -0.06 -2.25 20.10
N VAL B 104 0.62 -3.38 19.96
CA VAL B 104 0.12 -4.67 20.46
C VAL B 104 0.95 -5.24 21.59
N ARG C 1 7.27 -9.52 -14.01
CA ARG C 1 7.38 -8.23 -13.26
C ARG C 1 6.44 -8.28 -12.08
N ARG C 2 6.85 -7.62 -11.01
CA ARG C 2 5.96 -7.51 -9.87
C ARG C 2 4.73 -6.70 -10.19
N ARG C 3 3.60 -7.14 -9.62
N ARG C 3 3.60 -7.11 -9.66
CA ARG C 3 2.28 -6.46 -9.69
CA ARG C 3 2.43 -6.26 -9.67
C ARG C 3 1.85 -6.11 -8.25
C ARG C 3 2.03 -6.07 -8.24
N ARG C 4 1.71 -4.82 -7.95
CA ARG C 4 1.42 -4.37 -6.60
C ARG C 4 0.14 -3.58 -6.45
N TRP C 5 -0.45 -3.02 -7.51
CA TRP C 5 -1.68 -2.28 -7.32
C TRP C 5 -2.80 -3.24 -6.94
N ARG C 6 -3.54 -2.88 -5.91
CA ARG C 6 -4.60 -3.77 -5.40
C ARG C 6 -5.95 -3.07 -5.64
N GLU C 7 -6.97 -3.85 -5.93
CA GLU C 7 -8.30 -3.22 -6.15
C GLU C 7 -8.89 -2.69 -4.85
N ARG C 8 -9.69 -1.60 -4.90
CA ARG C 8 -10.26 -1.03 -3.66
C ARG C 8 -11.26 -2.00 -3.07
N GLN C 9 -11.19 -2.14 -1.74
CA GLN C 9 -12.11 -3.00 -0.98
C GLN C 9 -12.46 -2.37 0.38
N TRP D . 2.18 -23.59 3.63
CA TRP D . 2.59 -24.27 4.87
C TRP D . 1.42 -25.08 5.41
O TRP D . 0.35 -25.09 4.81
CB TRP D . 3.10 -23.27 5.90
CG TRP D . 2.03 -22.37 6.51
CD1 TRP D . 1.30 -22.63 7.64
CD2 TRP D . 1.61 -21.07 6.05
NE1 TRP D . 0.44 -21.60 7.89
CE2 TRP D . 0.61 -20.62 6.95
CE3 TRP D . 1.95 -20.25 4.98
CZ2 TRP D . -0.03 -19.39 6.81
CZ3 TRP D . 1.32 -19.02 4.85
CH2 TRP D . 0.33 -18.61 5.75
NA NA E . -1.61 -4.47 -12.03
#